data_3TJD
#
_entry.id   3TJD
#
_cell.length_a   111.82
_cell.length_b   111.82
_cell.length_c   71.12
_cell.angle_alpha   90.0
_cell.angle_beta   90.0
_cell.angle_gamma   90.0
#
_symmetry.space_group_name_H-M   'P 41'
#
loop_
_entity.id
_entity.type
_entity.pdbx_description
1 polymer 'Tyrosine-protein kinase JAK2'
2 non-polymer 4-amino-2-[4-(tert-butylsulfamoyl)phenyl]-N-methylthieno[3,2-c]pyridine-7-carboxamide
3 water water
#
_entity_poly.entity_id   1
_entity_poly.type   'polypeptide(L)'
_entity_poly.pdbx_seq_one_letter_code
;GSEDRDPTQFEERHLKFLQQLGKGNFGSVEMCRYDPLQDNTGEVVAVKKLQHSTEEHLRDFEREIEILKSLQHDNIVKYK
GVCYSAGRRNLKLIMEYLPYGSLRDYLQKHKERIDHIKLLQYTSQICKGMEYLGTKRYIHRDLATRNILVENENRVKIGD
FGLTKVLPQDKE(PTR)(PTR)KVKEPGESPIFWYAPESLTESKFSVASDVWSFGVVLYELFTYIEKSKSPPAEFMRMIG
NDKQGQMIVFHLIELLKNNGRLPRPDGCPDEIYMIMTECWNNNVNQRPSFRDLALRVDQIRDNMAG
;
_entity_poly.pdbx_strand_id   A,B
#
loop_
_chem_comp.id
_chem_comp.type
_chem_comp.name
_chem_comp.formula
6TP non-polymer 4-amino-2-[4-(tert-butylsulfamoyl)phenyl]-N-methylthieno[3,2-c]pyridine-7-carboxamide 'C19 H22 N4 O3 S2'
#
# COMPACT_ATOMS: atom_id res chain seq x y z
N GLN A 9 21.81 4.64 41.12
CA GLN A 9 21.50 5.64 40.06
C GLN A 9 22.66 5.74 39.07
N PHE A 10 22.52 6.64 38.09
CA PHE A 10 23.54 6.87 37.08
C PHE A 10 24.34 8.14 37.37
N GLU A 11 25.66 8.03 37.41
CA GLU A 11 26.47 9.21 37.67
C GLU A 11 26.69 10.09 36.44
N GLU A 12 26.55 11.39 36.66
CA GLU A 12 26.81 12.40 35.64
C GLU A 12 28.14 12.21 34.89
N ARG A 13 29.22 12.06 35.67
CA ARG A 13 30.57 11.90 35.14
C ARG A 13 30.78 10.73 34.22
N HIS A 14 30.00 9.68 34.37
CA HIS A 14 30.17 8.49 33.53
C HIS A 14 29.30 8.39 32.28
N LEU A 15 28.46 9.39 32.03
CA LEU A 15 27.59 9.42 30.86
C LEU A 15 28.21 10.21 29.70
N LYS A 16 28.61 9.52 28.64
CA LYS A 16 29.21 10.18 27.51
C LYS A 16 28.21 10.48 26.40
N PHE A 17 28.22 11.74 25.94
CA PHE A 17 27.34 12.20 24.88
C PHE A 17 27.78 11.65 23.54
N LEU A 18 26.83 11.15 22.76
CA LEU A 18 27.15 10.60 21.46
C LEU A 18 26.41 11.36 20.40
N GLN A 19 25.14 11.63 20.65
CA GLN A 19 24.36 12.40 19.69
C GLN A 19 22.93 12.72 20.13
N GLN A 20 22.37 13.76 19.53
CA GLN A 20 21.02 14.16 19.85
C GLN A 20 19.97 13.31 19.13
N LEU A 21 18.97 12.84 19.87
CA LEU A 21 17.92 12.02 19.29
C LEU A 21 16.61 12.71 19.01
N GLY A 22 16.27 13.68 19.84
CA GLY A 22 15.03 14.41 19.63
C GLY A 22 15.15 15.76 20.30
N LYS A 23 14.36 16.75 19.85
CA LYS A 23 14.40 18.09 20.43
C LYS A 23 12.97 18.66 20.44
N GLY A 24 12.72 19.59 21.33
CA GLY A 24 11.39 20.21 21.44
C GLY A 24 11.62 21.55 22.13
N ASN A 25 10.52 22.21 22.44
CA ASN A 25 10.58 23.47 23.12
C ASN A 25 10.86 23.29 24.62
N PHE A 26 10.81 22.07 25.15
CA PHE A 26 11.05 21.86 26.58
C PHE A 26 11.58 20.46 26.85
N GLY A 27 12.32 19.90 25.90
CA GLY A 27 12.82 18.56 26.09
C GLY A 27 13.85 18.23 25.06
N SER A 28 14.57 17.14 25.32
CA SER A 28 15.60 16.66 24.44
C SER A 28 15.97 15.22 24.85
N VAL A 29 16.36 14.39 23.90
CA VAL A 29 16.71 13.03 24.22
C VAL A 29 18.00 12.92 23.48
N GLU A 30 19.02 12.47 24.16
CA GLU A 30 20.33 12.33 23.56
C GLU A 30 20.74 10.89 23.67
N MET A 31 21.62 10.48 22.77
CA MET A 31 22.14 9.12 22.79
C MET A 31 23.44 9.21 23.59
N CYS A 32 23.51 8.45 24.68
CA CYS A 32 24.71 8.47 25.53
C CYS A 32 25.28 7.10 25.82
N ARG A 33 26.52 7.08 26.28
CA ARG A 33 27.15 5.83 26.65
C ARG A 33 27.45 5.94 28.12
N TYR A 34 26.90 5.05 28.92
CA TYR A 34 27.14 5.07 30.35
C TYR A 34 28.30 4.18 30.65
N ASP A 35 29.49 4.77 30.67
CA ASP A 35 30.73 4.04 30.88
C ASP A 35 31.35 4.32 32.25
N PRO A 36 30.81 3.68 33.31
CA PRO A 36 31.27 3.83 34.70
C PRO A 36 32.70 3.37 34.95
N LEU A 37 33.16 2.41 34.16
CA LEU A 37 34.51 1.89 34.32
C LEU A 37 35.42 2.50 33.26
N GLN A 38 34.87 3.46 32.53
CA GLN A 38 35.59 4.18 31.49
C GLN A 38 36.49 3.26 30.67
N ASP A 39 35.98 2.09 30.35
CA ASP A 39 36.75 1.12 29.58
C ASP A 39 35.92 0.66 28.38
N ASN A 40 35.19 1.61 27.80
CA ASN A 40 34.34 1.32 26.65
C ASN A 40 33.78 -0.11 26.72
N THR A 41 32.96 -0.35 27.73
CA THR A 41 32.31 -1.65 27.90
C THR A 41 30.93 -1.41 28.49
N GLY A 42 30.53 -0.14 28.49
CA GLY A 42 29.23 0.23 29.00
C GLY A 42 28.21 0.24 27.88
N GLU A 43 26.94 0.22 28.24
CA GLU A 43 25.88 0.21 27.25
C GLU A 43 25.43 1.61 26.85
N VAL A 44 24.90 1.71 25.64
CA VAL A 44 24.39 2.96 25.09
C VAL A 44 22.97 3.17 25.57
N VAL A 45 22.64 4.37 26.01
CA VAL A 45 21.30 4.62 26.52
C VAL A 45 20.72 5.90 25.97
N ALA A 46 19.43 6.11 26.19
CA ALA A 46 18.78 7.33 25.75
C ALA A 46 18.54 8.16 27.00
N VAL A 47 18.92 9.43 26.95
CA VAL A 47 18.72 10.29 28.10
C VAL A 47 17.86 11.47 27.71
N LYS A 48 16.79 11.69 28.47
CA LYS A 48 15.90 12.81 28.22
C LYS A 48 16.09 13.85 29.32
N LYS A 49 16.10 15.12 28.92
CA LYS A 49 16.27 16.21 29.86
C LYS A 49 15.52 17.44 29.38
N LEU A 50 15.14 18.30 30.32
CA LEU A 50 14.42 19.51 29.95
C LEU A 50 15.33 20.49 29.21
N GLN A 51 14.83 20.99 28.08
CA GLN A 51 15.58 21.94 27.26
C GLN A 51 15.77 23.27 27.97
N HIS A 52 14.85 23.60 28.87
CA HIS A 52 14.89 24.85 29.62
C HIS A 52 14.18 24.64 30.96
N SER A 53 14.95 24.14 31.92
CA SER A 53 14.41 23.85 33.23
C SER A 53 13.68 25.02 33.88
N THR A 54 12.41 24.75 34.22
CA THR A 54 11.52 25.68 34.89
C THR A 54 10.91 24.83 35.99
N GLU A 55 10.77 25.39 37.18
CA GLU A 55 10.21 24.66 38.30
C GLU A 55 8.89 24.02 37.96
N GLU A 56 8.12 24.67 37.09
CA GLU A 56 6.82 24.13 36.70
C GLU A 56 7.10 22.89 35.90
N HIS A 57 8.02 23.04 34.96
CA HIS A 57 8.41 21.98 34.06
C HIS A 57 9.12 20.84 34.77
N LEU A 58 9.88 21.20 35.80
CA LEU A 58 10.61 20.23 36.59
C LEU A 58 9.65 19.38 37.40
N ARG A 59 8.53 19.97 37.79
CA ARG A 59 7.54 19.27 38.60
C ARG A 59 6.85 18.22 37.74
N ASP A 60 6.56 18.59 36.51
CA ASP A 60 5.91 17.69 35.59
C ASP A 60 6.87 16.59 35.17
N PHE A 61 8.15 16.95 35.02
CA PHE A 61 9.15 15.98 34.63
C PHE A 61 9.29 14.91 35.69
N GLU A 62 9.14 15.34 36.93
CA GLU A 62 9.21 14.45 38.07
C GLU A 62 8.05 13.47 38.02
N ARG A 63 6.87 13.97 37.72
CA ARG A 63 5.72 13.10 37.62
C ARG A 63 5.85 12.17 36.43
N GLU A 64 6.34 12.69 35.31
CA GLU A 64 6.56 11.90 34.10
C GLU A 64 7.43 10.70 34.41
N ILE A 65 8.53 10.95 35.11
CA ILE A 65 9.48 9.92 35.49
C ILE A 65 8.82 8.86 36.36
N GLU A 66 7.84 9.27 37.17
CA GLU A 66 7.16 8.30 38.04
C GLU A 66 6.20 7.49 37.23
N ILE A 67 5.58 8.13 36.24
CA ILE A 67 4.64 7.49 35.33
C ILE A 67 5.35 6.36 34.60
N LEU A 68 6.49 6.68 34.01
CA LEU A 68 7.24 5.68 33.26
C LEU A 68 7.78 4.60 34.18
N LYS A 69 8.20 5.00 35.37
CA LYS A 69 8.73 4.01 36.29
C LYS A 69 7.66 2.99 36.71
N SER A 70 6.41 3.44 36.77
CA SER A 70 5.30 2.57 37.15
C SER A 70 4.83 1.70 35.99
N LEU A 71 5.42 1.88 34.82
CA LEU A 71 5.02 1.06 33.68
C LEU A 71 6.04 -0.04 33.34
N GLN A 72 5.54 -1.25 33.07
CA GLN A 72 6.39 -2.38 32.69
C GLN A 72 5.54 -3.18 31.72
N HIS A 73 5.86 -3.07 30.44
CA HIS A 73 5.08 -3.71 29.40
C HIS A 73 5.91 -3.83 28.14
N ASP A 74 5.78 -4.95 27.43
CA ASP A 74 6.55 -5.19 26.21
C ASP A 74 6.44 -4.05 25.19
N ASN A 75 5.36 -3.29 25.26
CA ASN A 75 5.18 -2.21 24.28
C ASN A 75 5.35 -0.80 24.82
N ILE A 76 6.07 -0.71 25.93
CA ILE A 76 6.38 0.57 26.58
C ILE A 76 7.88 0.64 26.83
N VAL A 77 8.50 1.75 26.46
CA VAL A 77 9.93 1.90 26.62
C VAL A 77 10.32 1.69 28.07
N LYS A 78 11.43 0.99 28.28
CA LYS A 78 11.92 0.67 29.61
C LYS A 78 12.67 1.78 30.32
N TYR A 79 12.33 1.96 31.59
CA TYR A 79 12.94 2.97 32.44
C TYR A 79 14.18 2.37 33.04
N LYS A 80 15.32 3.06 32.92
CA LYS A 80 16.56 2.55 33.47
C LYS A 80 16.99 3.26 34.75
N GLY A 81 16.61 4.53 34.88
CA GLY A 81 16.99 5.25 36.08
C GLY A 81 17.01 6.75 35.92
N VAL A 82 17.57 7.45 36.90
CA VAL A 82 17.65 8.91 36.84
C VAL A 82 19.07 9.38 37.08
N CYS A 83 19.33 10.64 36.73
CA CYS A 83 20.67 11.17 36.89
C CYS A 83 20.63 12.55 37.48
N TYR A 84 21.14 12.66 38.72
CA TYR A 84 21.15 13.93 39.44
C TYR A 84 22.51 14.61 39.40
N SER A 85 22.48 15.94 39.44
CA SER A 85 23.71 16.73 39.46
C SER A 85 24.44 16.43 40.78
N ASN A 90 19.62 19.49 37.78
CA ASN A 90 19.36 19.17 36.38
C ASN A 90 19.01 17.69 36.22
N LEU A 91 17.76 17.37 36.49
CA LEU A 91 17.27 16.01 36.41
C LEU A 91 17.38 15.42 35.00
N LYS A 92 17.74 14.14 34.94
CA LYS A 92 17.86 13.43 33.67
C LYS A 92 17.24 12.04 33.78
N LEU A 93 16.41 11.69 32.80
CA LEU A 93 15.73 10.39 32.74
C LEU A 93 16.50 9.43 31.84
N ILE A 94 16.95 8.31 32.39
CA ILE A 94 17.72 7.33 31.63
C ILE A 94 16.88 6.15 31.15
N MET A 95 16.68 6.06 29.85
CA MET A 95 15.87 4.99 29.29
C MET A 95 16.70 4.09 28.39
N GLU A 96 16.09 2.97 28.01
CA GLU A 96 16.74 2.03 27.12
C GLU A 96 16.88 2.70 25.76
N TYR A 97 17.90 2.29 25.01
CA TYR A 97 18.13 2.86 23.70
C TYR A 97 17.61 1.89 22.66
N LEU A 98 16.52 2.28 22.00
CA LEU A 98 15.96 1.44 20.93
C LEU A 98 16.69 1.84 19.67
N PRO A 99 17.48 0.92 19.13
CA PRO A 99 18.29 1.10 17.93
C PRO A 99 17.66 1.58 16.64
N TYR A 100 16.40 1.25 16.39
CA TYR A 100 15.78 1.69 15.16
C TYR A 100 15.09 3.04 15.28
N GLY A 101 15.09 3.59 16.48
CA GLY A 101 14.51 4.90 16.73
C GLY A 101 13.02 5.03 16.53
N SER A 102 12.54 6.25 16.27
CA SER A 102 11.10 6.49 16.09
C SER A 102 10.49 5.78 14.89
N LEU A 103 9.24 5.40 15.06
CA LEU A 103 8.49 4.71 14.03
C LEU A 103 8.29 5.61 12.82
N ARG A 104 8.22 6.91 13.09
CA ARG A 104 8.04 7.94 12.07
C ARG A 104 9.24 8.00 11.11
N ASP A 105 10.45 8.04 11.67
CA ASP A 105 11.67 8.06 10.88
C ASP A 105 11.94 6.70 10.26
N TYR A 106 11.78 5.66 11.06
CA TYR A 106 12.01 4.33 10.55
C TYR A 106 11.18 4.08 9.31
N LEU A 107 9.86 4.22 9.48
CA LEU A 107 8.93 4.01 8.39
C LEU A 107 9.25 4.83 7.14
N GLN A 108 9.53 6.12 7.32
CA GLN A 108 9.82 7.03 6.21
C GLN A 108 11.06 6.62 5.40
N LYS A 109 12.11 6.22 6.10
CA LYS A 109 13.36 5.81 5.49
C LYS A 109 13.35 4.38 4.94
N HIS A 110 12.47 3.51 5.43
CA HIS A 110 12.48 2.13 4.96
C HIS A 110 11.13 1.63 4.44
N LYS A 111 10.36 2.53 3.84
CA LYS A 111 9.04 2.17 3.34
C LYS A 111 8.99 0.96 2.42
N GLU A 112 10.09 0.66 1.74
CA GLU A 112 10.11 -0.48 0.82
C GLU A 112 10.17 -1.85 1.51
N ARG A 113 10.58 -1.85 2.77
CA ARG A 113 10.73 -3.09 3.54
C ARG A 113 9.50 -3.34 4.41
N ILE A 114 8.70 -2.31 4.61
CA ILE A 114 7.52 -2.43 5.46
C ILE A 114 6.23 -2.48 4.68
N ASP A 115 5.53 -3.60 4.72
CA ASP A 115 4.25 -3.74 4.03
C ASP A 115 3.09 -3.54 4.98
N HIS A 116 1.88 -3.61 4.46
CA HIS A 116 0.68 -3.41 5.24
C HIS A 116 0.50 -4.39 6.37
N ILE A 117 1.00 -5.60 6.20
CA ILE A 117 0.84 -6.58 7.25
C ILE A 117 1.67 -6.15 8.43
N LYS A 118 2.84 -5.60 8.16
CA LYS A 118 3.70 -5.16 9.24
C LYS A 118 3.09 -3.94 9.92
N LEU A 119 2.54 -3.02 9.14
CA LEU A 119 1.92 -1.84 9.69
C LEU A 119 0.85 -2.27 10.68
N LEU A 120 0.14 -3.35 10.34
CA LEU A 120 -0.91 -3.81 11.23
C LEU A 120 -0.35 -4.52 12.46
N GLN A 121 0.89 -5.00 12.37
CA GLN A 121 1.49 -5.65 13.52
C GLN A 121 1.87 -4.54 14.50
N TYR A 122 2.41 -3.47 13.96
CA TYR A 122 2.79 -2.33 14.77
C TYR A 122 1.53 -1.76 15.41
N THR A 123 0.49 -1.64 14.60
CA THR A 123 -0.78 -1.11 15.05
C THR A 123 -1.32 -1.85 16.25
N SER A 124 -1.27 -3.17 16.18
CA SER A 124 -1.75 -4.03 17.24
C SER A 124 -0.94 -3.85 18.53
N GLN A 125 0.38 -3.72 18.39
CA GLN A 125 1.24 -3.52 19.55
C GLN A 125 0.97 -2.19 20.23
N ILE A 126 0.71 -1.16 19.44
CA ILE A 126 0.41 0.16 19.98
C ILE A 126 -0.89 0.08 20.78
N CYS A 127 -1.83 -0.71 20.30
CA CYS A 127 -3.12 -0.86 20.99
C CYS A 127 -2.99 -1.56 22.31
N LYS A 128 -2.08 -2.50 22.36
CA LYS A 128 -1.89 -3.25 23.58
C LYS A 128 -1.13 -2.38 24.55
N GLY A 129 -0.31 -1.49 24.01
CA GLY A 129 0.45 -0.58 24.86
C GLY A 129 -0.45 0.48 25.45
N MET A 130 -1.49 0.87 24.71
CA MET A 130 -2.44 1.87 25.16
C MET A 130 -3.50 1.29 26.09
N GLU A 131 -3.87 0.03 25.87
CA GLU A 131 -4.86 -0.62 26.70
C GLU A 131 -4.27 -0.76 28.10
N TYR A 132 -2.97 -0.98 28.12
CA TYR A 132 -2.23 -1.12 29.37
C TYR A 132 -2.27 0.19 30.13
N LEU A 133 -2.11 1.30 29.41
CA LEU A 133 -2.16 2.61 30.07
C LEU A 133 -3.54 2.83 30.67
N GLY A 134 -4.56 2.60 29.86
CA GLY A 134 -5.92 2.77 30.32
C GLY A 134 -6.23 1.95 31.56
N THR A 135 -5.51 0.84 31.72
CA THR A 135 -5.72 -0.05 32.85
C THR A 135 -5.19 0.62 34.11
N LYS A 136 -4.39 1.66 33.94
CA LYS A 136 -3.82 2.41 35.06
C LYS A 136 -4.40 3.83 35.04
N ARG A 137 -5.47 3.99 34.27
CA ARG A 137 -6.13 5.28 34.14
C ARG A 137 -5.17 6.38 33.72
N TYR A 138 -4.20 6.04 32.87
CA TYR A 138 -3.23 6.99 32.37
C TYR A 138 -3.66 7.48 30.98
N ILE A 139 -3.68 8.80 30.78
CA ILE A 139 -4.05 9.36 29.48
C ILE A 139 -2.78 9.90 28.81
N HIS A 140 -2.36 9.27 27.73
CA HIS A 140 -1.14 9.64 27.00
C HIS A 140 -1.09 11.07 26.43
N ARG A 141 -2.20 11.51 25.85
CA ARG A 141 -2.33 12.85 25.27
C ARG A 141 -1.36 13.27 24.18
N ASP A 142 -0.46 12.39 23.77
CA ASP A 142 0.49 12.81 22.75
C ASP A 142 0.90 11.71 21.77
N LEU A 143 0.11 10.65 21.65
CA LEU A 143 0.44 9.61 20.71
C LEU A 143 0.59 10.12 19.30
N ALA A 144 1.72 9.78 18.68
CA ALA A 144 2.06 10.19 17.31
C ALA A 144 3.23 9.31 16.96
N THR A 145 3.36 8.91 15.70
CA THR A 145 4.46 8.03 15.32
C THR A 145 5.85 8.53 15.70
N ARG A 146 5.98 9.82 16.02
CA ARG A 146 7.29 10.34 16.40
C ARG A 146 7.71 9.93 17.81
N ASN A 147 6.77 9.45 18.64
CA ASN A 147 7.13 8.96 19.96
C ASN A 147 6.93 7.49 20.15
N ILE A 148 6.77 6.77 19.05
CA ILE A 148 6.59 5.33 19.11
C ILE A 148 7.97 4.91 18.63
N LEU A 149 8.64 4.07 19.39
CA LEU A 149 9.99 3.63 19.05
C LEU A 149 10.04 2.21 18.47
N VAL A 150 11.10 1.94 17.73
CA VAL A 150 11.29 0.64 17.10
C VAL A 150 12.45 -0.12 17.70
N GLU A 151 12.16 -1.20 18.42
CA GLU A 151 13.22 -2.00 19.02
C GLU A 151 13.82 -2.89 17.95
N ASN A 152 12.95 -3.34 17.05
CA ASN A 152 13.36 -4.20 15.97
C ASN A 152 12.24 -4.41 14.96
N GLU A 153 12.62 -4.98 13.83
CA GLU A 153 11.76 -5.32 12.71
C GLU A 153 10.31 -5.56 13.14
N ASN A 154 10.15 -6.42 14.13
CA ASN A 154 8.85 -6.86 14.64
C ASN A 154 8.33 -6.25 15.94
N ARG A 155 9.11 -5.41 16.60
CA ARG A 155 8.65 -4.84 17.86
C ARG A 155 8.69 -3.32 17.98
N VAL A 156 7.56 -2.69 18.30
CA VAL A 156 7.55 -1.25 18.51
C VAL A 156 7.12 -1.01 19.95
N LYS A 157 7.39 0.19 20.46
CA LYS A 157 7.01 0.54 21.82
C LYS A 157 6.62 1.99 21.89
N ILE A 158 5.78 2.35 22.85
CA ILE A 158 5.38 3.75 23.04
C ILE A 158 6.61 4.28 23.77
N GLY A 159 7.29 5.27 23.20
CA GLY A 159 8.51 5.72 23.84
C GLY A 159 8.59 7.03 24.57
N ASP A 160 7.49 7.75 24.75
CA ASP A 160 7.55 9.02 25.47
C ASP A 160 6.27 9.28 26.22
N PHE A 161 6.38 9.73 27.48
CA PHE A 161 5.23 10.01 28.33
C PHE A 161 5.27 11.42 28.92
N GLY A 162 5.85 12.36 28.18
CA GLY A 162 5.96 13.73 28.66
C GLY A 162 4.69 14.53 28.87
N LEU A 163 3.57 14.11 28.29
CA LEU A 163 2.28 14.82 28.45
C LEU A 163 1.25 13.92 29.11
N THR A 164 1.67 12.73 29.54
CA THR A 164 0.77 11.78 30.15
C THR A 164 0.25 12.27 31.50
N LYS A 165 -1.06 12.12 31.70
CA LYS A 165 -1.74 12.54 32.92
C LYS A 165 -2.55 11.41 33.52
N VAL A 166 -2.75 11.43 34.83
CA VAL A 166 -3.55 10.39 35.49
C VAL A 166 -4.95 10.91 35.74
N LEU A 167 -5.96 10.12 35.39
CA LEU A 167 -7.34 10.55 35.61
C LEU A 167 -7.66 10.60 37.09
N PRO A 168 -8.46 11.59 37.50
CA PRO A 168 -8.82 11.68 38.91
C PRO A 168 -9.80 10.53 39.14
N GLN A 169 -9.93 10.06 40.38
CA GLN A 169 -10.80 8.92 40.68
C GLN A 169 -12.26 9.10 40.28
N ASP A 170 -12.78 10.32 40.50
CA ASP A 170 -14.17 10.65 40.25
C ASP A 170 -14.56 11.08 38.85
N LYS A 171 -13.57 11.25 37.98
CA LYS A 171 -13.87 11.68 36.61
C LYS A 171 -13.27 10.77 35.56
N GLU A 172 -13.93 10.66 34.41
CA GLU A 172 -13.45 9.81 33.32
C GLU A 172 -12.74 10.65 32.28
N PTR A 173 -12.45 11.87 32.69
CA PTR A 173 -11.69 12.80 31.88
C PTR A 173 -10.81 13.67 32.71
O PTR A 173 -11.01 13.80 33.92
CB PTR A 173 -12.56 13.71 31.00
CG PTR A 173 -13.43 14.64 31.81
CD1 PTR A 173 -14.76 14.32 32.07
CD2 PTR A 173 -12.94 15.86 32.25
CE1 PTR A 173 -15.58 15.18 32.74
CE2 PTR A 173 -13.75 16.73 32.94
CZ PTR A 173 -15.07 16.40 33.17
OH PTR A 173 -15.86 17.35 33.77
P PTR A 173 -17.43 17.52 33.36
O1P PTR A 173 -17.91 18.71 34.21
O2P PTR A 173 -18.09 16.19 33.76
O3P PTR A 173 -17.56 17.81 31.86
N PTR A 174 -9.88 14.32 32.03
CA PTR A 174 -8.94 15.22 32.68
C PTR A 174 -8.83 16.50 31.88
O PTR A 174 -8.67 16.44 30.67
CB PTR A 174 -7.58 14.51 32.81
CG PTR A 174 -6.52 15.29 33.53
CD1 PTR A 174 -5.96 16.44 32.96
CD2 PTR A 174 -6.04 14.86 34.76
CE1 PTR A 174 -4.97 17.14 33.59
CE2 PTR A 174 -5.02 15.56 35.41
CZ PTR A 174 -4.50 16.70 34.81
OH PTR A 174 -3.52 17.41 35.43
P PTR A 174 -3.73 17.95 36.94
O1P PTR A 174 -3.44 16.74 37.83
O2P PTR A 174 -5.19 18.37 37.02
O3P PTR A 174 -2.73 19.12 37.01
N LYS A 175 -8.93 17.65 32.56
CA LYS A 175 -8.80 18.97 31.91
C LYS A 175 -7.45 19.63 32.15
N VAL A 176 -6.82 20.04 31.05
CA VAL A 176 -5.51 20.65 31.11
C VAL A 176 -5.20 21.53 29.90
N LYS A 177 -4.58 22.68 30.15
CA LYS A 177 -4.23 23.58 29.07
C LYS A 177 -2.85 24.12 29.38
N GLU A 178 -1.85 23.41 28.85
CA GLU A 178 -0.45 23.75 29.04
C GLU A 178 -0.03 24.88 28.11
N PRO A 179 0.81 25.80 28.63
CA PRO A 179 1.32 26.94 27.86
C PRO A 179 2.15 26.48 26.66
N GLY A 180 2.18 27.29 25.61
CA GLY A 180 2.97 26.92 24.45
C GLY A 180 2.23 26.27 23.29
N GLU A 181 2.93 25.45 22.53
CA GLU A 181 2.34 24.78 21.37
C GLU A 181 1.86 23.36 21.66
N SER A 182 0.67 23.04 21.17
CA SER A 182 0.09 21.70 21.31
C SER A 182 -0.02 21.06 19.94
N PRO A 183 0.01 19.73 19.87
CA PRO A 183 -0.09 19.03 18.59
C PRO A 183 -1.57 18.97 18.18
N ILE A 184 -2.18 20.14 17.96
CA ILE A 184 -3.59 20.21 17.61
C ILE A 184 -4.12 19.28 16.52
N PHE A 185 -3.33 19.02 15.49
CA PHE A 185 -3.78 18.16 14.41
C PHE A 185 -3.88 16.67 14.75
N TRP A 186 -3.74 16.33 16.02
CA TRP A 186 -3.83 14.96 16.51
C TRP A 186 -4.89 14.97 17.61
N TYR A 187 -5.33 16.16 17.99
CA TYR A 187 -6.33 16.33 19.05
C TYR A 187 -7.77 16.07 18.65
N ALA A 188 -8.52 15.49 19.58
CA ALA A 188 -9.94 15.23 19.38
C ALA A 188 -10.61 16.60 19.51
N PRO A 189 -11.83 16.74 19.00
CA PRO A 189 -12.59 17.99 19.06
C PRO A 189 -12.81 18.55 20.46
N GLU A 190 -13.18 17.68 21.40
CA GLU A 190 -13.44 18.12 22.75
C GLU A 190 -12.17 18.55 23.44
N SER A 191 -11.01 18.09 22.95
CA SER A 191 -9.75 18.50 23.57
C SER A 191 -9.38 19.89 23.08
N LEU A 192 -9.76 20.21 21.86
CA LEU A 192 -9.46 21.51 21.29
C LEU A 192 -10.40 22.56 21.88
N THR A 193 -11.68 22.24 21.88
CA THR A 193 -12.71 23.14 22.38
C THR A 193 -12.88 23.16 23.89
N GLU A 194 -12.67 22.04 24.57
CA GLU A 194 -12.87 21.99 26.00
C GLU A 194 -11.68 21.59 26.84
N SER A 195 -10.55 21.35 26.18
CA SER A 195 -9.34 20.95 26.88
C SER A 195 -9.59 19.69 27.67
N LYS A 196 -10.47 18.83 27.15
CA LYS A 196 -10.77 17.58 27.84
C LYS A 196 -9.96 16.41 27.26
N PHE A 197 -9.31 15.64 28.14
CA PHE A 197 -8.52 14.50 27.70
C PHE A 197 -8.95 13.22 28.38
N SER A 198 -9.19 12.19 27.58
CA SER A 198 -9.65 10.91 28.13
C SER A 198 -9.13 9.71 27.31
N VAL A 199 -9.54 8.51 27.68
CA VAL A 199 -9.10 7.38 26.90
C VAL A 199 -9.65 7.60 25.48
N ALA A 200 -10.87 8.13 25.39
CA ALA A 200 -11.50 8.37 24.10
C ALA A 200 -10.75 9.36 23.21
N SER A 201 -10.07 10.32 23.84
CA SER A 201 -9.31 11.28 23.06
C SER A 201 -8.02 10.61 22.60
N ASP A 202 -7.59 9.59 23.34
CA ASP A 202 -6.38 8.85 22.99
C ASP A 202 -6.68 7.98 21.80
N VAL A 203 -7.92 7.53 21.73
CA VAL A 203 -8.41 6.69 20.64
C VAL A 203 -8.53 7.55 19.38
N TRP A 204 -8.91 8.82 19.54
CA TRP A 204 -9.01 9.70 18.38
C TRP A 204 -7.61 9.86 17.81
N SER A 205 -6.64 10.04 18.70
CA SER A 205 -5.26 10.23 18.30
C SER A 205 -4.70 8.97 17.68
N PHE A 206 -5.17 7.83 18.17
CA PHE A 206 -4.73 6.54 17.67
C PHE A 206 -5.10 6.44 16.20
N GLY A 207 -6.30 6.89 15.87
CA GLY A 207 -6.74 6.86 14.49
C GLY A 207 -5.87 7.72 13.59
N VAL A 208 -5.26 8.76 14.15
CA VAL A 208 -4.38 9.65 13.39
C VAL A 208 -3.06 8.90 13.25
N VAL A 209 -2.72 8.11 14.25
CA VAL A 209 -1.50 7.35 14.18
C VAL A 209 -1.65 6.31 13.06
N LEU A 210 -2.84 5.70 12.99
CA LEU A 210 -3.13 4.69 12.00
C LEU A 210 -3.02 5.31 10.60
N TYR A 211 -3.51 6.54 10.49
CA TYR A 211 -3.47 7.29 9.25
C TYR A 211 -2.03 7.48 8.85
N GLU A 212 -1.24 7.96 9.82
CA GLU A 212 0.19 8.23 9.62
C GLU A 212 0.87 7.04 9.00
N LEU A 213 0.77 5.90 9.69
CA LEU A 213 1.38 4.66 9.22
C LEU A 213 1.04 4.34 7.77
N PHE A 214 -0.22 4.49 7.40
CA PHE A 214 -0.61 4.17 6.05
C PHE A 214 -0.32 5.22 4.99
N THR A 215 0.26 6.34 5.40
CA THR A 215 0.64 7.37 4.44
C THR A 215 2.14 7.15 4.26
N TYR A 216 2.70 6.27 5.08
CA TYR A 216 4.12 5.96 5.02
C TYR A 216 4.97 7.20 5.26
N ILE A 217 4.34 8.18 5.90
CA ILE A 217 4.97 9.43 6.25
C ILE A 217 5.41 10.18 5.01
N GLU A 218 4.49 10.35 4.07
CA GLU A 218 4.83 11.09 2.88
C GLU A 218 4.60 12.54 3.30
N LYS A 219 5.64 13.37 3.18
CA LYS A 219 5.61 14.76 3.62
C LYS A 219 4.38 15.62 3.30
N SER A 220 3.81 15.44 2.12
CA SER A 220 2.65 16.23 1.76
C SER A 220 1.37 15.67 2.37
N LYS A 221 1.45 14.45 2.86
CA LYS A 221 0.29 13.76 3.41
C LYS A 221 0.13 13.80 4.92
N SER A 222 1.04 14.49 5.60
CA SER A 222 0.96 14.59 7.06
C SER A 222 -0.32 15.28 7.53
N PRO A 223 -0.76 14.97 8.74
CA PRO A 223 -1.98 15.57 9.31
C PRO A 223 -1.94 17.10 9.22
N PRO A 224 -0.83 17.73 9.62
CA PRO A 224 -0.76 19.19 9.53
C PRO A 224 -0.94 19.69 8.09
N ALA A 225 -0.27 19.03 7.16
CA ALA A 225 -0.35 19.42 5.77
C ALA A 225 -1.77 19.24 5.24
N GLU A 226 -2.36 18.09 5.52
CA GLU A 226 -3.70 17.81 5.05
C GLU A 226 -4.77 18.72 5.63
N PHE A 227 -4.67 19.02 6.93
CA PHE A 227 -5.67 19.89 7.56
C PHE A 227 -5.52 21.35 7.11
N MET A 228 -4.27 21.80 7.03
CA MET A 228 -4.02 23.16 6.58
C MET A 228 -4.55 23.36 5.17
N ARG A 229 -4.45 22.34 4.33
CA ARG A 229 -4.97 22.52 2.98
C ARG A 229 -6.47 22.66 3.04
N MET A 230 -7.09 21.79 3.83
CA MET A 230 -8.54 21.82 3.97
C MET A 230 -9.02 23.14 4.54
N ILE A 231 -8.32 23.63 5.54
CA ILE A 231 -8.67 24.88 6.18
C ILE A 231 -8.34 26.06 5.27
N GLY A 232 -7.21 25.96 4.56
CA GLY A 232 -6.78 27.02 3.67
C GLY A 232 -5.41 27.52 4.12
N ASN A 233 -4.37 27.23 3.34
CA ASN A 233 -2.99 27.65 3.67
C ASN A 233 -2.88 29.17 3.84
N ASP A 234 -3.91 29.85 3.39
CA ASP A 234 -3.96 31.30 3.50
C ASP A 234 -4.58 31.52 4.87
N LYS A 235 -4.16 30.73 5.86
CA LYS A 235 -4.74 30.93 7.16
C LYS A 235 -3.88 31.77 8.08
N GLN A 236 -4.52 32.30 9.12
CA GLN A 236 -3.89 33.17 10.11
C GLN A 236 -2.97 32.41 11.03
N GLY A 237 -3.13 32.68 12.31
CA GLY A 237 -2.33 32.05 13.33
C GLY A 237 -3.13 31.60 14.54
N GLN A 238 -3.80 32.52 15.23
CA GLN A 238 -4.61 32.14 16.39
C GLN A 238 -5.93 31.58 15.87
N MET A 239 -6.25 31.90 14.63
CA MET A 239 -7.51 31.43 14.09
C MET A 239 -7.43 30.01 13.49
N ILE A 240 -6.22 29.46 13.44
CA ILE A 240 -6.03 28.12 12.90
C ILE A 240 -6.85 27.08 13.68
N VAL A 241 -6.78 27.12 15.00
CA VAL A 241 -7.52 26.16 15.81
C VAL A 241 -9.00 26.34 15.57
N PHE A 242 -9.45 27.59 15.60
CA PHE A 242 -10.86 27.91 15.40
C PHE A 242 -11.39 27.23 14.14
N HIS A 243 -10.68 27.37 13.04
CA HIS A 243 -11.11 26.76 11.78
C HIS A 243 -11.03 25.24 11.82
N LEU A 244 -10.04 24.74 12.53
CA LEU A 244 -9.86 23.31 12.65
C LEU A 244 -11.05 22.74 13.40
N ILE A 245 -11.52 23.47 14.40
CA ILE A 245 -12.66 23.03 15.19
C ILE A 245 -13.90 22.97 14.31
N GLU A 246 -14.04 23.98 13.46
CA GLU A 246 -15.20 24.01 12.59
C GLU A 246 -15.18 22.88 11.59
N LEU A 247 -14.02 22.65 11.00
CA LEU A 247 -13.83 21.60 10.02
C LEU A 247 -14.18 20.21 10.55
N LEU A 248 -13.87 19.96 11.81
CA LEU A 248 -14.14 18.66 12.41
C LEU A 248 -15.59 18.60 12.89
N LYS A 249 -16.18 19.76 13.15
CA LYS A 249 -17.57 19.81 13.61
C LYS A 249 -18.49 19.49 12.42
N ASN A 250 -18.07 19.88 11.22
CA ASN A 250 -18.82 19.60 10.03
C ASN A 250 -18.33 18.32 9.39
N ASN A 251 -17.81 17.44 10.23
CA ASN A 251 -17.28 16.15 9.80
C ASN A 251 -16.23 16.16 8.71
N GLY A 252 -15.34 17.14 8.73
CA GLY A 252 -14.27 17.17 7.76
C GLY A 252 -13.17 16.27 8.33
N ARG A 253 -12.52 15.47 7.49
CA ARG A 253 -11.49 14.57 8.01
C ARG A 253 -10.33 14.22 7.08
N LEU A 254 -9.26 13.68 7.67
CA LEU A 254 -8.09 13.26 6.90
C LEU A 254 -8.53 12.25 5.86
N PRO A 255 -8.03 12.38 4.62
CA PRO A 255 -8.41 11.45 3.56
C PRO A 255 -7.87 10.04 3.74
N ARG A 256 -8.42 9.12 2.96
CA ARG A 256 -7.97 7.74 3.01
C ARG A 256 -6.61 7.72 2.32
N PRO A 257 -5.56 7.31 3.04
CA PRO A 257 -4.20 7.25 2.49
C PRO A 257 -4.18 6.38 1.23
N ASP A 258 -3.25 6.65 0.31
CA ASP A 258 -3.16 5.87 -0.91
C ASP A 258 -2.87 4.41 -0.62
N GLY A 259 -3.62 3.54 -1.29
CA GLY A 259 -3.44 2.11 -1.14
C GLY A 259 -3.96 1.55 0.16
N CYS A 260 -4.64 2.39 0.92
CA CYS A 260 -5.17 1.94 2.19
C CYS A 260 -6.47 1.21 2.01
N PRO A 261 -6.57 0.00 2.57
CA PRO A 261 -7.78 -0.82 2.48
C PRO A 261 -8.96 -0.13 3.17
N ASP A 262 -10.12 -0.22 2.53
CA ASP A 262 -11.33 0.37 3.04
C ASP A 262 -11.66 -0.06 4.46
N GLU A 263 -11.30 -1.29 4.83
CA GLU A 263 -11.60 -1.76 6.17
C GLU A 263 -10.67 -1.12 7.19
N ILE A 264 -9.50 -0.66 6.76
CA ILE A 264 -8.56 -0.03 7.68
C ILE A 264 -9.00 1.43 7.87
N TYR A 265 -9.39 2.07 6.78
CA TYR A 265 -9.82 3.46 6.85
C TYR A 265 -11.06 3.63 7.73
N MET A 266 -11.87 2.59 7.81
CA MET A 266 -13.09 2.66 8.60
C MET A 266 -12.77 2.58 10.07
N ILE A 267 -11.65 1.97 10.39
CA ILE A 267 -11.21 1.90 11.78
C ILE A 267 -10.79 3.33 12.15
N MET A 268 -10.08 3.99 11.25
CA MET A 268 -9.65 5.36 11.46
C MET A 268 -10.84 6.31 11.63
N THR A 269 -11.81 6.18 10.74
CA THR A 269 -12.98 7.04 10.76
C THR A 269 -13.83 6.81 12.00
N GLU A 270 -13.85 5.57 12.49
CA GLU A 270 -14.63 5.27 13.68
C GLU A 270 -13.98 5.84 14.93
N CYS A 271 -12.65 5.96 14.87
CA CYS A 271 -11.86 6.52 15.97
C CYS A 271 -12.08 8.03 15.95
N TRP A 272 -12.41 8.55 14.77
CA TRP A 272 -12.63 9.97 14.60
C TRP A 272 -14.08 10.37 14.70
N ASN A 273 -14.77 9.83 15.70
CA ASN A 273 -16.16 10.15 15.87
C ASN A 273 -16.25 11.38 16.75
N ASN A 274 -17.14 12.31 16.42
CA ASN A 274 -17.31 13.49 17.24
C ASN A 274 -17.93 13.04 18.56
N ASN A 275 -18.75 12.00 18.51
CA ASN A 275 -19.37 11.51 19.73
C ASN A 275 -18.35 10.74 20.54
N VAL A 276 -17.81 11.39 21.57
CA VAL A 276 -16.82 10.77 22.42
C VAL A 276 -17.15 9.34 22.85
N ASN A 277 -18.40 9.09 23.20
CA ASN A 277 -18.78 7.75 23.67
C ASN A 277 -18.94 6.72 22.58
N GLN A 278 -18.98 7.18 21.33
CA GLN A 278 -19.14 6.26 20.21
C GLN A 278 -17.84 5.71 19.66
N ARG A 279 -16.73 6.14 20.21
CA ARG A 279 -15.43 5.68 19.75
C ARG A 279 -15.14 4.32 20.30
N PRO A 280 -14.44 3.46 19.53
CA PRO A 280 -14.13 2.12 20.03
C PRO A 280 -13.04 2.07 21.08
N SER A 281 -13.04 1.00 21.86
CA SER A 281 -12.06 0.82 22.91
C SER A 281 -10.77 0.30 22.29
N PHE A 282 -9.68 0.41 23.02
CA PHE A 282 -8.41 -0.08 22.52
C PHE A 282 -8.43 -1.60 22.40
N ARG A 283 -9.22 -2.24 23.25
CA ARG A 283 -9.33 -3.70 23.23
C ARG A 283 -10.04 -4.16 21.98
N ASP A 284 -11.16 -3.53 21.67
CA ASP A 284 -11.91 -3.89 20.47
C ASP A 284 -11.07 -3.54 19.24
N LEU A 285 -10.31 -2.46 19.33
CA LEU A 285 -9.48 -2.05 18.21
C LEU A 285 -8.42 -3.10 17.92
N ALA A 286 -7.81 -3.62 18.98
CA ALA A 286 -6.80 -4.65 18.80
C ALA A 286 -7.47 -5.82 18.12
N LEU A 287 -8.68 -6.13 18.58
CA LEU A 287 -9.45 -7.25 18.07
C LEU A 287 -9.74 -7.21 16.60
N ARG A 288 -10.19 -6.05 16.14
CA ARG A 288 -10.51 -5.87 14.72
C ARG A 288 -9.26 -5.88 13.82
N VAL A 289 -8.17 -5.34 14.35
CA VAL A 289 -6.92 -5.27 13.59
C VAL A 289 -6.32 -6.65 13.47
N ASP A 290 -6.31 -7.39 14.57
CA ASP A 290 -5.77 -8.74 14.53
C ASP A 290 -6.61 -9.61 13.61
N GLN A 291 -7.91 -9.33 13.55
CA GLN A 291 -8.82 -10.09 12.70
C GLN A 291 -8.43 -9.85 11.26
N ILE A 292 -8.25 -8.57 10.93
CA ILE A 292 -7.84 -8.16 9.60
C ILE A 292 -6.47 -8.73 9.27
N ARG A 293 -5.57 -8.77 10.26
CA ARG A 293 -4.24 -9.31 10.00
C ARG A 293 -4.38 -10.74 9.53
N ASP A 294 -5.05 -11.57 10.34
CA ASP A 294 -5.27 -12.97 9.97
C ASP A 294 -5.87 -13.12 8.55
N ASN A 295 -6.95 -12.37 8.27
CA ASN A 295 -7.66 -12.36 6.97
C ASN A 295 -6.67 -12.03 5.88
N MET A 296 -5.56 -11.38 6.19
CA MET A 296 -4.57 -11.04 5.15
C MET A 296 -3.47 -12.09 5.08
N ALA A 297 -3.32 -12.84 6.17
CA ALA A 297 -2.31 -13.87 6.26
C ALA A 297 -2.66 -15.02 5.35
N GLY A 298 -3.64 -15.82 5.78
CA GLY A 298 -4.05 -16.97 5.00
C GLY A 298 -4.82 -16.61 3.75
N ASP B 6 -7.85 -39.38 -25.40
CA ASP B 6 -7.65 -38.25 -24.45
C ASP B 6 -8.00 -36.98 -25.21
N PRO B 7 -9.13 -36.34 -24.84
CA PRO B 7 -9.66 -35.10 -25.43
C PRO B 7 -8.67 -33.95 -25.42
N THR B 8 -7.76 -33.99 -24.46
CA THR B 8 -6.78 -32.93 -24.32
C THR B 8 -5.55 -33.16 -25.23
N GLN B 9 -5.60 -34.22 -26.05
CA GLN B 9 -4.50 -34.50 -26.98
C GLN B 9 -5.07 -34.34 -28.38
N PHE B 10 -4.62 -33.30 -29.08
CA PHE B 10 -5.11 -33.05 -30.43
C PHE B 10 -4.11 -33.49 -31.51
N GLU B 11 -4.64 -34.23 -32.48
CA GLU B 11 -3.88 -34.76 -33.60
C GLU B 11 -3.73 -33.69 -34.65
N GLU B 12 -2.51 -33.44 -35.08
CA GLU B 12 -2.24 -32.41 -36.10
C GLU B 12 -3.01 -32.66 -37.40
N ARG B 13 -3.06 -33.92 -37.82
CA ARG B 13 -3.75 -34.30 -39.06
C ARG B 13 -5.23 -33.93 -39.08
N HIS B 14 -5.79 -33.70 -37.90
CA HIS B 14 -7.21 -33.35 -37.83
C HIS B 14 -7.46 -31.88 -37.59
N LEU B 15 -6.40 -31.12 -37.33
CA LEU B 15 -6.52 -29.69 -37.05
C LEU B 15 -6.49 -28.89 -38.35
N LYS B 16 -7.66 -28.43 -38.80
CA LYS B 16 -7.72 -27.67 -40.05
C LYS B 16 -7.67 -26.16 -39.85
N PHE B 17 -6.62 -25.58 -40.43
CA PHE B 17 -6.34 -24.15 -40.35
C PHE B 17 -7.42 -23.30 -41.02
N LEU B 18 -7.85 -22.23 -40.36
CA LEU B 18 -8.86 -21.36 -40.95
C LEU B 18 -8.26 -19.99 -41.17
N GLN B 19 -7.64 -19.44 -40.13
CA GLN B 19 -7.00 -18.15 -40.28
C GLN B 19 -6.13 -17.76 -39.10
N GLN B 20 -5.51 -16.59 -39.22
CA GLN B 20 -4.65 -16.07 -38.19
C GLN B 20 -5.44 -15.15 -37.30
N LEU B 21 -5.28 -15.31 -35.99
CA LEU B 21 -6.00 -14.48 -35.05
C LEU B 21 -5.13 -13.39 -34.43
N GLY B 22 -3.88 -13.71 -34.05
CA GLY B 22 -3.00 -12.71 -33.45
C GLY B 22 -1.54 -13.04 -33.74
N LYS B 23 -0.63 -12.07 -33.67
CA LYS B 23 0.78 -12.34 -33.94
C LYS B 23 1.75 -11.51 -33.13
N GLY B 24 2.81 -12.19 -32.71
CA GLY B 24 3.87 -11.59 -31.91
C GLY B 24 5.23 -11.70 -32.60
N ASN B 25 6.29 -11.34 -31.89
CA ASN B 25 7.65 -11.38 -32.48
C ASN B 25 8.33 -12.74 -32.43
N PHE B 26 7.89 -13.61 -31.53
CA PHE B 26 8.46 -14.94 -31.47
C PHE B 26 7.36 -16.03 -31.51
N GLY B 27 6.07 -15.61 -31.61
CA GLY B 27 4.94 -16.57 -31.66
C GLY B 27 3.58 -16.04 -32.23
N SER B 28 2.59 -16.90 -32.46
CA SER B 28 1.32 -16.45 -33.03
C SER B 28 0.27 -17.39 -32.61
N VAL B 29 -0.98 -16.96 -32.85
CA VAL B 29 -2.22 -17.69 -32.61
C VAL B 29 -3.10 -17.86 -33.89
N GLU B 30 -3.56 -19.09 -34.11
CA GLU B 30 -4.38 -19.42 -35.26
C GLU B 30 -5.80 -19.92 -34.93
N MET B 31 -6.74 -19.68 -35.83
CA MET B 31 -8.10 -20.17 -35.64
C MET B 31 -8.13 -21.46 -36.44
N CYS B 32 -8.50 -22.57 -35.81
CA CYS B 32 -8.55 -23.85 -36.51
C CYS B 32 -9.75 -24.70 -36.10
N ARG B 33 -10.15 -25.63 -36.96
CA ARG B 33 -11.25 -26.51 -36.61
C ARG B 33 -10.71 -27.91 -36.43
N TYR B 34 -10.92 -28.47 -35.23
CA TYR B 34 -10.46 -29.83 -34.98
C TYR B 34 -11.57 -30.64 -35.62
N ASP B 35 -11.31 -31.16 -36.82
CA ASP B 35 -12.32 -31.90 -37.57
C ASP B 35 -11.91 -33.33 -37.94
N PRO B 36 -11.83 -34.24 -36.96
CA PRO B 36 -11.45 -35.61 -37.31
C PRO B 36 -12.44 -36.39 -38.17
N LEU B 37 -13.68 -35.87 -38.29
CA LEU B 37 -14.69 -36.56 -39.09
C LEU B 37 -14.71 -35.97 -40.49
N GLN B 38 -13.84 -34.98 -40.71
CA GLN B 38 -13.76 -34.34 -42.00
C GLN B 38 -15.12 -33.91 -42.57
N ASP B 39 -16.10 -33.64 -41.71
CA ASP B 39 -17.41 -33.17 -42.19
C ASP B 39 -17.71 -31.76 -41.68
N ASN B 40 -16.67 -31.10 -41.18
CA ASN B 40 -16.83 -29.75 -40.64
C ASN B 40 -17.69 -29.68 -39.37
N THR B 41 -18.00 -30.81 -38.74
CA THR B 41 -18.80 -30.77 -37.53
C THR B 41 -17.85 -30.64 -36.33
N GLY B 42 -16.56 -30.46 -36.60
CA GLY B 42 -15.59 -30.33 -35.53
C GLY B 42 -15.66 -29.01 -34.79
N GLU B 43 -15.10 -28.96 -33.58
CA GLU B 43 -15.10 -27.72 -32.79
C GLU B 43 -14.05 -26.73 -33.31
N VAL B 44 -14.36 -25.44 -33.26
CA VAL B 44 -13.39 -24.43 -33.65
C VAL B 44 -12.62 -24.05 -32.39
N VAL B 45 -11.29 -24.08 -32.49
CA VAL B 45 -10.42 -23.78 -31.36
C VAL B 45 -9.34 -22.78 -31.75
N ALA B 46 -8.66 -22.25 -30.74
CA ALA B 46 -7.57 -21.31 -30.96
C ALA B 46 -6.28 -22.09 -30.72
N VAL B 47 -5.33 -21.99 -31.65
CA VAL B 47 -4.08 -22.72 -31.52
C VAL B 47 -2.91 -21.76 -31.42
N LYS B 48 -2.05 -21.96 -30.43
CA LYS B 48 -0.87 -21.11 -30.23
C LYS B 48 0.40 -21.89 -30.54
N LYS B 49 1.25 -21.34 -31.40
CA LYS B 49 2.51 -21.98 -31.77
C LYS B 49 3.66 -20.98 -31.69
N LEU B 50 4.88 -21.47 -31.51
CA LEU B 50 6.07 -20.62 -31.45
C LEU B 50 6.64 -20.43 -32.86
N GLN B 51 7.18 -19.25 -33.14
CA GLN B 51 7.77 -18.97 -34.45
C GLN B 51 9.28 -19.14 -34.35
N HIS B 52 9.81 -18.98 -33.14
CA HIS B 52 11.23 -19.17 -32.92
C HIS B 52 11.39 -20.17 -31.77
N SER B 53 11.54 -21.42 -32.16
CA SER B 53 11.68 -22.51 -31.21
C SER B 53 13.09 -22.76 -30.73
N THR B 54 13.58 -21.91 -29.83
CA THR B 54 14.90 -22.17 -29.26
C THR B 54 14.66 -23.05 -28.03
N GLU B 55 15.74 -23.60 -27.47
CA GLU B 55 15.62 -24.45 -26.30
C GLU B 55 14.99 -23.69 -25.15
N GLU B 56 15.33 -22.41 -25.03
CA GLU B 56 14.77 -21.62 -23.96
C GLU B 56 13.31 -21.32 -24.22
N HIS B 57 13.00 -20.87 -25.42
CA HIS B 57 11.62 -20.58 -25.76
C HIS B 57 10.73 -21.81 -25.55
N LEU B 58 11.19 -22.96 -26.04
CA LEU B 58 10.42 -24.19 -25.87
C LEU B 58 10.18 -24.47 -24.39
N ARG B 59 11.20 -24.29 -23.56
CA ARG B 59 11.06 -24.54 -22.13
C ARG B 59 9.99 -23.64 -21.52
N ASP B 60 10.01 -22.38 -21.92
CA ASP B 60 9.06 -21.42 -21.42
C ASP B 60 7.65 -21.76 -21.84
N PHE B 61 7.50 -22.20 -23.09
CA PHE B 61 6.20 -22.54 -23.63
C PHE B 61 5.59 -23.71 -22.87
N GLU B 62 6.39 -24.74 -22.65
CA GLU B 62 5.95 -25.93 -21.89
C GLU B 62 5.40 -25.48 -20.55
N ARG B 63 6.11 -24.53 -19.95
CA ARG B 63 5.76 -23.97 -18.66
C ARG B 63 4.48 -23.17 -18.73
N GLU B 64 4.31 -22.47 -19.84
CA GLU B 64 3.11 -21.66 -20.05
C GLU B 64 1.90 -22.58 -20.08
N ILE B 65 2.04 -23.71 -20.76
CA ILE B 65 0.94 -24.67 -20.89
C ILE B 65 0.50 -25.23 -19.53
N GLU B 66 1.46 -25.54 -18.69
CA GLU B 66 1.13 -26.06 -17.38
C GLU B 66 0.41 -24.99 -16.60
N ILE B 67 0.91 -23.77 -16.72
CA ILE B 67 0.28 -22.64 -16.04
C ILE B 67 -1.18 -22.50 -16.46
N LEU B 68 -1.41 -22.34 -17.75
CA LEU B 68 -2.78 -22.19 -18.23
C LEU B 68 -3.68 -23.37 -17.84
N LYS B 69 -3.15 -24.59 -17.95
CA LYS B 69 -3.90 -25.80 -17.61
C LYS B 69 -4.31 -25.84 -16.14
N SER B 70 -3.49 -25.26 -15.28
CA SER B 70 -3.78 -25.23 -13.85
C SER B 70 -4.83 -24.19 -13.51
N LEU B 71 -5.05 -23.23 -14.40
CA LEU B 71 -6.01 -22.16 -14.13
C LEU B 71 -7.43 -22.51 -14.54
N GLN B 72 -8.39 -22.32 -13.64
CA GLN B 72 -9.79 -22.58 -13.95
C GLN B 72 -10.67 -21.49 -13.37
N HIS B 73 -10.91 -20.46 -14.16
CA HIS B 73 -11.70 -19.33 -13.71
C HIS B 73 -12.55 -18.79 -14.85
N ASP B 74 -13.59 -18.05 -14.50
CA ASP B 74 -14.48 -17.50 -15.50
C ASP B 74 -13.87 -16.41 -16.34
N ASN B 75 -12.89 -15.72 -15.76
CA ASN B 75 -12.24 -14.62 -16.44
C ASN B 75 -10.85 -14.97 -16.92
N ILE B 76 -10.63 -16.26 -17.17
CA ILE B 76 -9.37 -16.73 -17.70
C ILE B 76 -9.70 -17.67 -18.86
N VAL B 77 -9.01 -17.48 -19.98
CA VAL B 77 -9.24 -18.29 -21.17
C VAL B 77 -9.06 -19.77 -20.89
N LYS B 78 -9.96 -20.57 -21.43
CA LYS B 78 -9.95 -22.01 -21.23
C LYS B 78 -8.93 -22.86 -21.97
N TYR B 79 -8.20 -23.66 -21.20
CA TYR B 79 -7.20 -24.56 -21.73
C TYR B 79 -7.95 -25.77 -22.27
N LYS B 80 -7.64 -26.19 -23.49
CA LYS B 80 -8.29 -27.34 -24.06
C LYS B 80 -7.32 -28.52 -24.21
N GLY B 81 -6.08 -28.24 -24.58
CA GLY B 81 -5.13 -29.33 -24.73
C GLY B 81 -3.84 -28.91 -25.41
N VAL B 82 -3.11 -29.90 -25.92
CA VAL B 82 -1.86 -29.66 -26.61
C VAL B 82 -1.79 -30.48 -27.88
N CYS B 83 -0.86 -30.11 -28.75
CA CYS B 83 -0.67 -30.83 -29.98
C CYS B 83 0.81 -31.10 -30.23
N TYR B 84 1.18 -32.37 -30.33
CA TYR B 84 2.56 -32.77 -30.57
C TYR B 84 2.75 -33.35 -31.96
N SER B 85 3.99 -33.32 -32.44
CA SER B 85 4.36 -33.86 -33.76
C SER B 85 5.17 -35.14 -33.54
N ASN B 90 6.77 -30.12 -32.87
CA ASN B 90 6.32 -28.73 -32.85
C ASN B 90 5.11 -28.54 -31.92
N LEU B 91 5.38 -28.35 -30.63
CA LEU B 91 4.36 -28.17 -29.60
C LEU B 91 3.39 -27.06 -29.89
N LYS B 92 2.12 -27.31 -29.64
CA LYS B 92 1.11 -26.32 -29.87
C LYS B 92 0.11 -26.36 -28.70
N LEU B 93 -0.38 -25.19 -28.31
CA LEU B 93 -1.31 -25.04 -27.21
C LEU B 93 -2.73 -24.83 -27.73
N ILE B 94 -3.67 -25.69 -27.33
CA ILE B 94 -5.05 -25.54 -27.79
C ILE B 94 -5.94 -24.89 -26.72
N MET B 95 -6.60 -23.79 -27.10
CA MET B 95 -7.47 -23.05 -26.19
C MET B 95 -8.83 -22.84 -26.83
N GLU B 96 -9.78 -22.33 -26.05
CA GLU B 96 -11.11 -22.08 -26.57
C GLU B 96 -11.04 -20.90 -27.52
N TYR B 97 -11.94 -20.85 -28.48
CA TYR B 97 -11.95 -19.78 -29.45
C TYR B 97 -12.95 -18.71 -29.10
N LEU B 98 -12.48 -17.49 -28.90
CA LEU B 98 -13.35 -16.40 -28.55
C LEU B 98 -13.50 -15.45 -29.74
N PRO B 99 -14.60 -15.60 -30.48
CA PRO B 99 -14.98 -14.83 -31.68
C PRO B 99 -14.88 -13.32 -31.65
N TYR B 100 -14.94 -12.72 -30.47
CA TYR B 100 -14.84 -11.28 -30.44
C TYR B 100 -13.39 -10.84 -30.31
N GLY B 101 -12.47 -11.77 -30.11
CA GLY B 101 -11.07 -11.36 -30.03
C GLY B 101 -10.70 -10.49 -28.85
N SER B 102 -9.55 -9.81 -28.97
CA SER B 102 -9.02 -8.97 -27.91
C SER B 102 -9.88 -7.78 -27.61
N LEU B 103 -9.91 -7.41 -26.33
CA LEU B 103 -10.68 -6.28 -25.85
C LEU B 103 -10.15 -4.97 -26.45
N ARG B 104 -8.85 -4.94 -26.73
CA ARG B 104 -8.22 -3.76 -27.31
C ARG B 104 -8.86 -3.39 -28.63
N ASP B 105 -9.13 -4.40 -29.45
CA ASP B 105 -9.76 -4.20 -30.75
C ASP B 105 -11.25 -3.99 -30.50
N TYR B 106 -11.84 -4.90 -29.74
CA TYR B 106 -13.26 -4.84 -29.42
C TYR B 106 -13.72 -3.48 -28.93
N LEU B 107 -12.93 -2.89 -28.05
CA LEU B 107 -13.25 -1.58 -27.46
C LEU B 107 -13.24 -0.45 -28.47
N GLN B 108 -12.38 -0.53 -29.47
CA GLN B 108 -12.31 0.53 -30.46
C GLN B 108 -13.57 0.63 -31.33
N LYS B 109 -14.00 -0.49 -31.90
CA LYS B 109 -15.18 -0.44 -32.77
C LYS B 109 -16.53 -0.43 -32.09
N HIS B 110 -16.53 -0.49 -30.76
CA HIS B 110 -17.77 -0.48 -30.02
C HIS B 110 -17.81 0.63 -28.98
N LYS B 111 -16.93 1.61 -29.10
CA LYS B 111 -16.86 2.72 -28.15
C LYS B 111 -18.17 3.52 -28.02
N GLU B 112 -18.94 3.62 -29.10
CA GLU B 112 -20.19 4.36 -29.04
C GLU B 112 -21.25 3.71 -28.17
N ARG B 113 -21.17 2.40 -27.96
CA ARG B 113 -22.18 1.78 -27.12
C ARG B 113 -21.61 1.28 -25.79
N ILE B 114 -20.31 1.35 -25.60
CA ILE B 114 -19.71 0.92 -24.33
C ILE B 114 -19.57 2.08 -23.35
N ASP B 115 -20.33 1.95 -22.27
CA ASP B 115 -20.46 2.88 -21.16
C ASP B 115 -19.27 2.87 -20.22
N HIS B 116 -19.28 3.79 -19.25
CA HIS B 116 -18.25 3.85 -18.21
C HIS B 116 -18.59 2.75 -17.24
N ILE B 117 -19.88 2.51 -17.06
CA ILE B 117 -20.30 1.47 -16.15
C ILE B 117 -20.01 0.10 -16.77
N LYS B 118 -20.02 -0.01 -18.11
CA LYS B 118 -19.72 -1.28 -18.78
C LYS B 118 -18.21 -1.47 -18.74
N LEU B 119 -17.47 -0.36 -18.74
CA LEU B 119 -16.02 -0.46 -18.66
C LEU B 119 -15.65 -1.01 -17.29
N LEU B 120 -16.33 -0.52 -16.26
CA LEU B 120 -16.10 -0.96 -14.91
C LEU B 120 -16.46 -2.44 -14.73
N GLN B 121 -17.50 -2.88 -15.42
CA GLN B 121 -17.91 -4.26 -15.35
C GLN B 121 -16.77 -5.15 -15.83
N TYR B 122 -16.12 -4.74 -16.91
CA TYR B 122 -15.00 -5.49 -17.45
C TYR B 122 -13.87 -5.43 -16.44
N THR B 123 -13.64 -4.23 -15.93
CA THR B 123 -12.57 -4.02 -14.95
C THR B 123 -12.78 -4.99 -13.80
N SER B 124 -14.00 -5.02 -13.27
CA SER B 124 -14.31 -5.92 -12.16
C SER B 124 -13.92 -7.37 -12.46
N GLN B 125 -14.17 -7.81 -13.69
CA GLN B 125 -13.85 -9.16 -14.09
C GLN B 125 -12.35 -9.41 -14.18
N ILE B 126 -11.63 -8.41 -14.63
CA ILE B 126 -10.18 -8.50 -14.71
C ILE B 126 -9.60 -8.59 -13.30
N CYS B 127 -10.14 -7.80 -12.36
CA CYS B 127 -9.67 -7.86 -10.97
C CYS B 127 -9.90 -9.25 -10.44
N LYS B 128 -11.10 -9.76 -10.68
CA LYS B 128 -11.42 -11.10 -10.23
C LYS B 128 -10.44 -12.11 -10.80
N GLY B 129 -10.13 -11.99 -12.08
CA GLY B 129 -9.20 -12.93 -12.69
C GLY B 129 -7.83 -12.85 -12.08
N MET B 130 -7.37 -11.64 -11.82
CA MET B 130 -6.06 -11.43 -11.22
C MET B 130 -6.06 -11.83 -9.74
N GLU B 131 -7.19 -11.68 -9.08
CA GLU B 131 -7.26 -12.06 -7.66
C GLU B 131 -6.98 -13.55 -7.65
N TYR B 132 -7.61 -14.25 -8.57
CA TYR B 132 -7.47 -15.68 -8.70
C TYR B 132 -6.01 -16.11 -8.92
N LEU B 133 -5.30 -15.44 -9.81
CA LEU B 133 -3.90 -15.78 -10.05
C LEU B 133 -3.10 -15.65 -8.77
N GLY B 134 -3.42 -14.65 -7.98
CA GLY B 134 -2.72 -14.43 -6.74
C GLY B 134 -2.85 -15.58 -5.80
N THR B 135 -4.00 -16.27 -5.82
CA THR B 135 -4.20 -17.40 -4.93
C THR B 135 -3.32 -18.56 -5.36
N LYS B 136 -2.86 -18.51 -6.61
CA LYS B 136 -1.99 -19.53 -7.16
C LYS B 136 -0.55 -18.99 -7.13
N ARG B 137 -0.37 -17.83 -6.53
CA ARG B 137 0.93 -17.20 -6.47
C ARG B 137 1.54 -17.02 -7.85
N TYR B 138 0.70 -16.75 -8.85
CA TYR B 138 1.14 -16.54 -10.23
C TYR B 138 1.25 -15.05 -10.54
N ILE B 139 2.33 -14.67 -11.21
CA ILE B 139 2.57 -13.28 -11.58
C ILE B 139 2.36 -13.24 -13.09
N HIS B 140 1.40 -12.43 -13.54
CA HIS B 140 1.10 -12.35 -14.96
C HIS B 140 2.18 -11.65 -15.78
N ARG B 141 2.77 -10.60 -15.22
CA ARG B 141 3.83 -9.84 -15.90
C ARG B 141 3.42 -9.11 -17.18
N ASP B 142 2.34 -9.54 -17.78
CA ASP B 142 2.01 -8.99 -19.07
C ASP B 142 0.59 -8.62 -19.36
N LEU B 143 -0.19 -8.18 -18.37
CA LEU B 143 -1.58 -7.77 -18.70
C LEU B 143 -1.65 -6.45 -19.44
N ALA B 144 -2.53 -6.40 -20.43
CA ALA B 144 -2.77 -5.20 -21.26
C ALA B 144 -4.00 -5.62 -21.98
N THR B 145 -4.70 -4.69 -22.59
CA THR B 145 -5.92 -5.02 -23.28
C THR B 145 -5.68 -5.84 -24.55
N ARG B 146 -4.42 -6.04 -24.90
CA ARG B 146 -4.11 -6.85 -26.06
C ARG B 146 -4.23 -8.30 -25.65
N ASN B 147 -4.00 -8.60 -24.38
CA ASN B 147 -4.03 -9.96 -23.90
C ASN B 147 -5.37 -10.36 -23.28
N ILE B 148 -6.27 -9.41 -23.19
CA ILE B 148 -7.58 -9.66 -22.61
C ILE B 148 -8.55 -9.98 -23.74
N LEU B 149 -9.26 -11.10 -23.62
CA LEU B 149 -10.19 -11.53 -24.65
C LEU B 149 -11.63 -11.26 -24.25
N VAL B 150 -12.50 -11.11 -25.26
CA VAL B 150 -13.92 -10.83 -25.03
C VAL B 150 -14.82 -12.03 -25.35
N GLU B 151 -15.54 -12.55 -24.37
CA GLU B 151 -16.42 -13.67 -24.65
C GLU B 151 -17.76 -13.19 -25.18
N ASN B 152 -18.11 -11.97 -24.82
CA ASN B 152 -19.34 -11.33 -25.29
C ASN B 152 -19.43 -10.00 -24.57
N GLU B 153 -20.32 -9.14 -25.05
CA GLU B 153 -20.52 -7.80 -24.51
C GLU B 153 -20.55 -7.68 -23.00
N ASN B 154 -20.80 -8.79 -22.32
CA ASN B 154 -20.84 -8.77 -20.87
C ASN B 154 -19.68 -9.49 -20.17
N ARG B 155 -18.83 -10.17 -20.91
CA ARG B 155 -17.76 -10.91 -20.25
C ARG B 155 -16.41 -10.86 -20.96
N VAL B 156 -15.35 -10.66 -20.18
CA VAL B 156 -14.00 -10.63 -20.71
C VAL B 156 -13.19 -11.66 -19.93
N LYS B 157 -12.10 -12.13 -20.50
CA LYS B 157 -11.26 -13.13 -19.84
C LYS B 157 -9.80 -12.82 -20.08
N ILE B 158 -8.94 -13.17 -19.13
CA ILE B 158 -7.52 -12.96 -19.31
C ILE B 158 -7.10 -14.07 -20.26
N GLY B 159 -6.55 -13.74 -21.42
CA GLY B 159 -6.24 -14.80 -22.38
C GLY B 159 -4.84 -15.16 -22.84
N ASP B 160 -3.81 -14.78 -22.12
CA ASP B 160 -2.49 -15.20 -22.53
C ASP B 160 -1.63 -15.24 -21.31
N PHE B 161 -0.89 -16.31 -21.14
CA PHE B 161 -0.02 -16.45 -19.98
C PHE B 161 1.42 -16.76 -20.34
N GLY B 162 1.85 -16.31 -21.52
CA GLY B 162 3.20 -16.56 -21.98
C GLY B 162 4.34 -16.02 -21.13
N LEU B 163 4.09 -15.00 -20.34
CA LEU B 163 5.14 -14.44 -19.50
C LEU B 163 4.85 -14.67 -18.01
N THR B 164 3.77 -15.37 -17.71
CA THR B 164 3.38 -15.66 -16.33
C THR B 164 4.43 -16.49 -15.59
N LYS B 165 4.76 -16.09 -14.36
CA LYS B 165 5.75 -16.82 -13.55
C LYS B 165 5.13 -17.28 -12.22
N VAL B 166 5.79 -18.23 -11.56
CA VAL B 166 5.29 -18.71 -10.27
C VAL B 166 6.26 -18.29 -9.20
N LEU B 167 5.77 -17.46 -8.29
CA LEU B 167 6.57 -16.96 -7.18
C LEU B 167 7.21 -18.10 -6.42
N PRO B 168 8.49 -17.94 -6.04
CA PRO B 168 9.21 -18.96 -5.28
C PRO B 168 8.54 -19.02 -3.90
N GLN B 169 8.63 -20.15 -3.23
CA GLN B 169 8.01 -20.30 -1.93
C GLN B 169 8.46 -19.23 -0.93
N ASP B 170 9.77 -19.05 -0.85
CA ASP B 170 10.34 -18.10 0.10
C ASP B 170 10.29 -16.60 -0.27
N LYS B 171 10.04 -16.28 -1.55
CA LYS B 171 10.02 -14.87 -1.96
C LYS B 171 8.68 -14.25 -2.38
N GLU B 172 8.56 -12.94 -2.16
CA GLU B 172 7.38 -12.18 -2.54
C GLU B 172 7.64 -11.47 -3.85
N PTR B 173 8.63 -11.95 -4.58
CA PTR B 173 8.95 -11.37 -5.89
C PTR B 173 9.76 -12.29 -6.78
O PTR B 173 10.36 -13.22 -6.34
CB PTR B 173 9.66 -9.99 -5.78
CG PTR B 173 11.05 -9.95 -5.19
CD1 PTR B 173 11.22 -9.76 -3.82
CD2 PTR B 173 12.17 -10.19 -5.97
CE1 PTR B 173 12.47 -9.80 -3.24
CE2 PTR B 173 13.43 -10.22 -5.40
CZ PTR B 173 13.58 -10.04 -4.03
OH PTR B 173 14.86 -10.04 -3.49
P PTR B 173 15.59 -8.63 -3.11
O1P PTR B 173 17.08 -8.94 -3.00
O2P PTR B 173 14.92 -8.26 -1.80
O3P PTR B 173 15.30 -7.65 -4.25
N PTR B 174 9.74 -12.02 -8.07
CA PTR B 174 10.47 -12.86 -8.97
C PTR B 174 11.37 -11.94 -9.74
O PTR B 174 11.03 -10.80 -9.94
CB PTR B 174 9.50 -13.52 -9.93
CG PTR B 174 10.04 -14.72 -10.62
CD1 PTR B 174 10.96 -14.61 -11.68
CD2 PTR B 174 9.60 -15.97 -10.27
CE1 PTR B 174 11.40 -15.76 -12.37
CE2 PTR B 174 10.01 -17.10 -10.93
CZ PTR B 174 10.91 -17.00 -11.99
OH PTR B 174 11.23 -18.18 -12.64
P PTR B 174 12.79 -18.55 -13.01
O1P PTR B 174 12.82 -20.08 -13.10
O2P PTR B 174 13.69 -18.01 -11.87
O3P PTR B 174 13.06 -17.90 -14.36
N LYS B 175 12.54 -12.46 -10.11
CA LYS B 175 13.51 -11.72 -10.95
C LYS B 175 13.71 -12.51 -12.27
N VAL B 176 13.43 -11.89 -13.40
CA VAL B 176 13.52 -12.63 -14.65
C VAL B 176 14.57 -12.16 -15.65
N LYS B 177 15.18 -13.12 -16.36
CA LYS B 177 16.18 -12.80 -17.39
C LYS B 177 15.41 -12.13 -18.52
N GLU B 178 16.06 -11.23 -19.24
CA GLU B 178 15.37 -10.56 -20.33
C GLU B 178 16.10 -10.71 -21.67
N PRO B 179 15.75 -11.75 -22.44
CA PRO B 179 16.41 -11.96 -23.74
C PRO B 179 15.40 -11.59 -24.84
N GLY B 180 14.28 -11.02 -24.42
CA GLY B 180 13.23 -10.63 -25.35
C GLY B 180 12.66 -9.24 -25.05
N GLU B 181 12.06 -8.61 -26.07
CA GLU B 181 11.52 -7.27 -25.88
C GLU B 181 10.48 -7.30 -24.77
N SER B 182 10.50 -6.28 -23.91
CA SER B 182 9.55 -6.18 -22.80
C SER B 182 8.61 -4.99 -23.03
N PRO B 183 7.36 -5.07 -22.54
CA PRO B 183 6.39 -3.98 -22.72
C PRO B 183 6.65 -2.93 -21.65
N ILE B 184 7.77 -2.23 -21.78
CA ILE B 184 8.17 -1.25 -20.79
C ILE B 184 7.17 -0.17 -20.41
N PHE B 185 6.24 0.16 -21.29
CA PHE B 185 5.28 1.22 -20.96
C PHE B 185 4.14 0.75 -20.06
N TRP B 186 4.14 -0.55 -19.75
CA TRP B 186 3.13 -1.13 -18.88
C TRP B 186 3.80 -1.61 -17.60
N TYR B 187 5.14 -1.56 -17.60
CA TYR B 187 5.99 -1.99 -16.49
C TYR B 187 6.14 -1.06 -15.30
N ALA B 188 6.19 -1.63 -14.10
CA ALA B 188 6.39 -0.87 -12.89
C ALA B 188 7.89 -0.53 -12.75
N PRO B 189 8.22 0.59 -12.08
CA PRO B 189 9.58 1.07 -11.87
C PRO B 189 10.63 0.05 -11.44
N GLU B 190 10.26 -0.85 -10.54
CA GLU B 190 11.20 -1.86 -10.05
C GLU B 190 11.43 -2.97 -11.08
N SER B 191 10.48 -3.12 -12.00
CA SER B 191 10.61 -4.12 -13.06
C SER B 191 11.62 -3.56 -14.05
N LEU B 192 11.43 -2.28 -14.38
CA LEU B 192 12.28 -1.56 -15.31
C LEU B 192 13.73 -1.51 -14.84
N THR B 193 13.92 -1.28 -13.55
CA THR B 193 15.25 -1.16 -12.98
C THR B 193 15.93 -2.45 -12.52
N GLU B 194 15.23 -3.32 -11.81
CA GLU B 194 15.86 -4.55 -11.33
C GLU B 194 15.22 -5.82 -11.86
N SER B 195 14.23 -5.69 -12.74
CA SER B 195 13.54 -6.85 -13.28
C SER B 195 12.83 -7.64 -12.19
N LYS B 196 12.21 -6.91 -11.26
CA LYS B 196 11.49 -7.50 -10.14
C LYS B 196 10.01 -7.49 -10.43
N PHE B 197 9.43 -8.67 -10.50
CA PHE B 197 8.01 -8.78 -10.76
C PHE B 197 7.30 -9.37 -9.56
N SER B 198 6.09 -8.88 -9.30
CA SER B 198 5.30 -9.33 -8.16
C SER B 198 3.83 -9.01 -8.34
N VAL B 199 3.03 -9.32 -7.34
CA VAL B 199 1.60 -9.02 -7.44
C VAL B 199 1.44 -7.50 -7.49
N ALA B 200 2.37 -6.79 -6.87
CA ALA B 200 2.32 -5.34 -6.85
C ALA B 200 2.72 -4.70 -8.18
N SER B 201 3.53 -5.39 -8.99
CA SER B 201 3.90 -4.83 -10.29
C SER B 201 2.72 -5.11 -11.21
N ASP B 202 2.02 -6.21 -10.90
CA ASP B 202 0.85 -6.62 -11.66
C ASP B 202 -0.27 -5.62 -11.43
N VAL B 203 -0.27 -5.03 -10.25
CA VAL B 203 -1.27 -4.03 -9.91
C VAL B 203 -0.90 -2.73 -10.64
N TRP B 204 0.38 -2.53 -10.92
CA TRP B 204 0.79 -1.32 -11.62
C TRP B 204 0.29 -1.46 -13.04
N SER B 205 0.60 -2.59 -13.66
CA SER B 205 0.18 -2.82 -15.02
C SER B 205 -1.34 -2.79 -15.16
N PHE B 206 -2.04 -3.17 -14.10
CA PHE B 206 -3.51 -3.15 -14.07
C PHE B 206 -4.01 -1.71 -14.22
N GLY B 207 -3.36 -0.78 -13.56
CA GLY B 207 -3.77 0.60 -13.69
C GLY B 207 -3.56 1.10 -15.11
N VAL B 208 -2.59 0.52 -15.81
CA VAL B 208 -2.36 0.96 -17.17
C VAL B 208 -3.47 0.40 -18.03
N VAL B 209 -3.96 -0.78 -17.66
CA VAL B 209 -5.05 -1.41 -18.40
C VAL B 209 -6.31 -0.59 -18.17
N LEU B 210 -6.52 -0.18 -16.93
CA LEU B 210 -7.68 0.63 -16.61
C LEU B 210 -7.62 1.90 -17.45
N TYR B 211 -6.43 2.50 -17.56
CA TYR B 211 -6.23 3.69 -18.37
C TYR B 211 -6.61 3.35 -19.81
N GLU B 212 -6.11 2.22 -20.29
CA GLU B 212 -6.39 1.81 -21.65
C GLU B 212 -7.87 1.82 -21.93
N LEU B 213 -8.62 1.21 -21.01
CA LEU B 213 -10.06 1.11 -21.15
C LEU B 213 -10.74 2.46 -21.30
N PHE B 214 -10.36 3.42 -20.46
CA PHE B 214 -10.96 4.73 -20.52
C PHE B 214 -10.44 5.66 -21.61
N THR B 215 -9.51 5.19 -22.44
CA THR B 215 -9.03 5.99 -23.56
C THR B 215 -9.68 5.36 -24.77
N TYR B 216 -10.45 4.31 -24.52
CA TYR B 216 -11.14 3.58 -25.58
C TYR B 216 -10.20 3.21 -26.71
N ILE B 217 -8.91 3.18 -26.40
CA ILE B 217 -7.83 2.82 -27.33
C ILE B 217 -7.68 3.80 -28.49
N GLU B 218 -7.84 5.08 -28.18
CA GLU B 218 -7.67 6.13 -29.17
C GLU B 218 -6.17 6.17 -29.47
N LYS B 219 -5.80 5.76 -30.70
CA LYS B 219 -4.40 5.70 -31.14
C LYS B 219 -3.35 6.71 -30.60
N SER B 220 -3.70 8.00 -30.56
CA SER B 220 -2.74 8.97 -30.04
C SER B 220 -2.67 8.93 -28.52
N LYS B 221 -3.65 8.28 -27.90
CA LYS B 221 -3.75 8.22 -26.44
C LYS B 221 -3.15 6.99 -25.73
N SER B 222 -2.51 6.09 -26.50
CA SER B 222 -1.89 4.87 -25.95
C SER B 222 -0.71 5.15 -25.01
N PRO B 223 -0.39 4.18 -24.13
CA PRO B 223 0.71 4.36 -23.19
C PRO B 223 2.05 4.75 -23.86
N PRO B 224 2.42 4.06 -24.96
CA PRO B 224 3.67 4.35 -25.66
C PRO B 224 3.68 5.76 -26.24
N ALA B 225 2.58 6.14 -26.87
CA ALA B 225 2.46 7.44 -27.47
C ALA B 225 2.59 8.49 -26.40
N GLU B 226 1.78 8.36 -25.37
CA GLU B 226 1.75 9.30 -24.26
C GLU B 226 3.08 9.44 -23.51
N PHE B 227 3.78 8.33 -23.29
CA PHE B 227 5.05 8.42 -22.58
C PHE B 227 6.12 9.04 -23.50
N MET B 228 6.21 8.54 -24.72
CA MET B 228 7.16 9.06 -25.69
C MET B 228 6.92 10.55 -25.95
N ARG B 229 5.70 10.99 -25.69
CA ARG B 229 5.38 12.38 -25.90
C ARG B 229 5.96 13.22 -24.79
N MET B 230 5.68 12.86 -23.54
CA MET B 230 6.24 13.66 -22.47
C MET B 230 7.74 13.46 -22.30
N ILE B 231 8.28 12.42 -22.92
CA ILE B 231 9.71 12.16 -22.83
C ILE B 231 10.36 12.91 -23.97
N GLY B 232 9.64 13.02 -25.07
CA GLY B 232 10.17 13.72 -26.22
C GLY B 232 10.51 12.70 -27.29
N ASN B 233 9.85 12.82 -28.42
CA ASN B 233 10.09 11.89 -29.51
C ASN B 233 11.50 12.04 -30.08
N ASP B 234 12.10 13.19 -29.78
CA ASP B 234 13.43 13.51 -30.27
C ASP B 234 14.48 12.63 -29.60
N LYS B 235 14.04 11.71 -28.74
CA LYS B 235 15.01 10.87 -28.06
C LYS B 235 15.50 9.73 -28.93
N GLN B 236 16.57 9.09 -28.48
CA GLN B 236 17.13 7.97 -29.23
C GLN B 236 16.26 6.76 -29.00
N GLY B 237 16.89 5.58 -29.04
CA GLY B 237 16.16 4.35 -28.86
C GLY B 237 16.51 3.59 -27.59
N GLN B 238 17.79 3.28 -27.38
CA GLN B 238 18.17 2.53 -26.17
C GLN B 238 18.05 3.36 -24.92
N MET B 239 17.97 4.66 -25.10
CA MET B 239 17.87 5.60 -23.99
C MET B 239 16.44 5.77 -23.48
N ILE B 240 15.47 5.37 -24.29
CA ILE B 240 14.06 5.50 -23.93
C ILE B 240 13.75 4.97 -22.52
N VAL B 241 14.13 3.73 -22.24
CA VAL B 241 13.86 3.17 -20.93
C VAL B 241 14.38 4.07 -19.81
N PHE B 242 15.65 4.44 -19.90
CA PHE B 242 16.27 5.29 -18.88
C PHE B 242 15.54 6.61 -18.69
N HIS B 243 15.10 7.21 -19.79
CA HIS B 243 14.36 8.44 -19.68
C HIS B 243 13.01 8.14 -19.00
N LEU B 244 12.43 6.99 -19.33
CA LEU B 244 11.17 6.58 -18.74
C LEU B 244 11.35 6.39 -17.24
N ILE B 245 12.45 5.73 -16.87
CA ILE B 245 12.78 5.47 -15.47
C ILE B 245 12.89 6.78 -14.69
N GLU B 246 13.49 7.79 -15.30
CA GLU B 246 13.62 9.06 -14.60
C GLU B 246 12.26 9.70 -14.50
N LEU B 247 11.51 9.62 -15.59
CA LEU B 247 10.19 10.21 -15.63
C LEU B 247 9.31 9.69 -14.51
N LEU B 248 9.28 8.37 -14.37
CA LEU B 248 8.43 7.76 -13.36
C LEU B 248 8.92 8.06 -11.95
N LYS B 249 10.24 8.23 -11.85
CA LYS B 249 10.89 8.52 -10.58
C LYS B 249 10.43 9.89 -10.13
N ASN B 250 10.35 10.83 -11.06
CA ASN B 250 9.93 12.18 -10.71
C ASN B 250 8.40 12.28 -10.78
N ASN B 251 7.75 11.19 -10.39
CA ASN B 251 6.28 11.06 -10.40
C ASN B 251 5.54 11.49 -11.65
N GLY B 252 6.16 11.35 -12.82
CA GLY B 252 5.48 11.71 -14.04
C GLY B 252 4.57 10.53 -14.33
N ARG B 253 3.35 10.81 -14.79
CA ARG B 253 2.42 9.74 -15.08
C ARG B 253 1.48 9.98 -16.25
N LEU B 254 0.77 8.94 -16.66
CA LEU B 254 -0.19 9.05 -17.76
C LEU B 254 -1.29 9.99 -17.28
N PRO B 255 -1.84 10.80 -18.20
CA PRO B 255 -2.90 11.77 -17.88
C PRO B 255 -4.30 11.18 -17.84
N ARG B 256 -5.19 11.84 -17.09
CA ARG B 256 -6.57 11.41 -16.98
C ARG B 256 -7.11 11.34 -18.39
N PRO B 257 -7.65 10.19 -18.80
CA PRO B 257 -8.19 10.05 -20.16
C PRO B 257 -9.37 11.00 -20.34
N ASP B 258 -9.60 11.48 -21.55
CA ASP B 258 -10.70 12.39 -21.77
C ASP B 258 -12.02 11.81 -21.25
N GLY B 259 -12.76 12.64 -20.52
CA GLY B 259 -14.05 12.22 -20.00
C GLY B 259 -14.00 11.22 -18.87
N CYS B 260 -12.82 10.93 -18.35
CA CYS B 260 -12.68 9.97 -17.26
C CYS B 260 -12.96 10.55 -15.87
N PRO B 261 -13.84 9.88 -15.10
CA PRO B 261 -14.19 10.32 -13.74
C PRO B 261 -12.98 10.33 -12.83
N ASP B 262 -12.84 11.40 -12.05
CA ASP B 262 -11.72 11.55 -11.13
C ASP B 262 -11.61 10.36 -10.18
N GLU B 263 -12.76 9.81 -9.83
CA GLU B 263 -12.82 8.69 -8.92
C GLU B 263 -12.05 7.52 -9.55
N ILE B 264 -12.24 7.34 -10.85
CA ILE B 264 -11.61 6.28 -11.61
C ILE B 264 -10.12 6.55 -11.88
N TYR B 265 -9.80 7.79 -12.17
CA TYR B 265 -8.42 8.17 -12.41
C TYR B 265 -7.62 8.01 -11.12
N MET B 266 -8.33 8.14 -10.00
CA MET B 266 -7.73 8.04 -8.69
C MET B 266 -7.26 6.61 -8.45
N ILE B 267 -7.99 5.65 -9.00
CA ILE B 267 -7.64 4.24 -8.87
C ILE B 267 -6.40 3.99 -9.68
N MET B 268 -6.33 4.63 -10.85
CA MET B 268 -5.19 4.47 -11.72
C MET B 268 -3.92 4.97 -11.04
N THR B 269 -3.96 6.19 -10.53
CA THR B 269 -2.81 6.76 -9.87
C THR B 269 -2.38 5.99 -8.62
N GLU B 270 -3.32 5.36 -7.93
CA GLU B 270 -2.96 4.60 -6.72
C GLU B 270 -2.19 3.35 -7.06
N CYS B 271 -2.52 2.75 -8.20
CA CYS B 271 -1.85 1.55 -8.65
C CYS B 271 -0.46 1.93 -9.13
N TRP B 272 -0.29 3.21 -9.48
CA TRP B 272 0.98 3.71 -9.97
C TRP B 272 1.80 4.38 -8.89
N ASN B 273 1.85 3.78 -7.71
CA ASN B 273 2.62 4.34 -6.63
C ASN B 273 4.03 3.78 -6.73
N ASN B 274 5.03 4.65 -6.64
CA ASN B 274 6.42 4.22 -6.71
C ASN B 274 6.69 3.25 -5.57
N ASN B 275 5.98 3.44 -4.46
CA ASN B 275 6.16 2.57 -3.30
C ASN B 275 5.33 1.31 -3.49
N VAL B 276 5.99 0.21 -3.79
CA VAL B 276 5.30 -1.04 -3.99
C VAL B 276 4.25 -1.34 -2.90
N ASN B 277 4.63 -1.20 -1.63
CA ASN B 277 3.72 -1.46 -0.51
C ASN B 277 2.51 -0.54 -0.40
N GLN B 278 2.44 0.50 -1.22
CA GLN B 278 1.30 1.40 -1.14
C GLN B 278 0.29 1.19 -2.26
N ARG B 279 0.57 0.25 -3.15
CA ARG B 279 -0.33 -0.04 -4.25
C ARG B 279 -1.41 -0.96 -3.69
N PRO B 280 -2.69 -0.65 -3.98
CA PRO B 280 -3.79 -1.48 -3.48
C PRO B 280 -3.70 -2.93 -3.89
N SER B 281 -4.50 -3.77 -3.26
CA SER B 281 -4.48 -5.18 -3.59
C SER B 281 -5.62 -5.39 -4.55
N PHE B 282 -5.61 -6.49 -5.27
CA PHE B 282 -6.67 -6.75 -6.21
C PHE B 282 -7.98 -6.94 -5.47
N ARG B 283 -7.91 -7.45 -4.25
CA ARG B 283 -9.11 -7.67 -3.46
C ARG B 283 -9.77 -6.34 -3.13
N ASP B 284 -8.93 -5.34 -2.89
CA ASP B 284 -9.41 -4.02 -2.58
C ASP B 284 -9.86 -3.26 -3.83
N LEU B 285 -9.23 -3.54 -4.96
CA LEU B 285 -9.60 -2.89 -6.21
C LEU B 285 -10.96 -3.41 -6.67
N ALA B 286 -11.20 -4.68 -6.40
CA ALA B 286 -12.45 -5.32 -6.79
C ALA B 286 -13.58 -4.65 -6.04
N LEU B 287 -13.38 -4.47 -4.74
CA LEU B 287 -14.37 -3.84 -3.89
C LEU B 287 -14.59 -2.40 -4.33
N ARG B 288 -13.51 -1.64 -4.47
CA ARG B 288 -13.64 -0.27 -4.90
C ARG B 288 -14.44 -0.14 -6.20
N VAL B 289 -14.01 -0.84 -7.24
CA VAL B 289 -14.71 -0.77 -8.52
C VAL B 289 -16.19 -1.11 -8.38
N ASP B 290 -16.47 -2.26 -7.77
CA ASP B 290 -17.85 -2.68 -7.60
C ASP B 290 -18.67 -1.65 -6.81
N GLN B 291 -18.04 -0.96 -5.87
CA GLN B 291 -18.79 0.03 -5.11
C GLN B 291 -19.11 1.25 -5.94
N ILE B 292 -18.24 1.57 -6.90
CA ILE B 292 -18.48 2.70 -7.76
C ILE B 292 -19.55 2.28 -8.74
N ARG B 293 -19.53 0.99 -9.09
CA ARG B 293 -20.49 0.45 -10.01
C ARG B 293 -21.87 0.54 -9.41
N ASP B 294 -21.93 0.30 -8.11
CA ASP B 294 -23.21 0.37 -7.41
C ASP B 294 -23.68 1.82 -7.30
N ASN B 295 -22.72 2.72 -7.13
CA ASN B 295 -23.08 4.12 -7.00
C ASN B 295 -23.65 4.66 -8.28
N MET B 296 -23.01 4.30 -9.38
CA MET B 296 -23.43 4.73 -10.72
C MET B 296 -24.80 4.18 -11.12
N ALA B 297 -25.12 2.96 -10.68
CA ALA B 297 -26.41 2.35 -10.99
C ALA B 297 -27.51 2.94 -10.16
N GLY B 298 -27.12 3.49 -9.00
CA GLY B 298 -28.08 4.09 -8.08
C GLY B 298 -29.14 4.92 -8.80
C1 6TP C . 10.95 15.28 22.84
N1 6TP C . 16.10 5.34 21.92
O1 6TP C . 9.02 14.20 20.42
S1 6TP C . 14.18 8.58 19.82
C2 6TP C . 12.05 11.10 20.11
N2 6TP C . 14.57 5.75 23.68
O2 6TP C . 16.46 7.93 17.93
S2 6TP C . 9.12 13.36 21.57
C3 6TP C . 10.73 16.62 23.57
N3 6TP C . 17.30 5.91 18.02
O3 6TP C . 7.90 12.74 21.94
C4 6TP C . 11.41 15.64 21.46
N4 6TP C . 9.78 14.33 22.88
C5 6TP C . 10.25 11.17 22.40
C6 6TP C . 12.08 14.60 23.55
C7 6TP C . 13.38 8.04 22.20
C8 6TP C . 14.41 7.20 21.73
C9 6TP C . 14.99 7.34 20.46
C10 6TP C . 15.06 6.10 22.44
C11 6TP C . 16.02 6.61 19.89
C12 6TP C . 16.59 6.89 18.55
C13 6TP C . 16.58 5.56 20.67
C14 6TP C . 13.14 8.92 21.13
C15 6TP C . 17.84 6.12 16.71
C16 6TP C . 12.12 10.06 21.17
C17 6TP C . 11.10 12.16 20.18
C18 6TP C . 10.26 12.12 21.34
C19 6TP C . 11.20 10.13 22.31
C1 6TP D . 0.92 -13.39 -28.97
N1 6TP D . -9.87 -16.52 -29.82
O1 6TP D . -0.16 -10.71 -28.33
S1 6TP D . -6.96 -13.22 -30.39
C2 6TP D . -4.25 -11.92 -29.18
N2 6TP D . -8.48 -17.27 -28.07
O2 6TP D . -8.84 -12.74 -32.58
S2 6TP D . -0.69 -11.62 -27.33
C3 6TP D . 2.13 -12.58 -29.20
N3 6TP D . -10.97 -13.56 -32.47
O3 6TP D . -0.67 -11.37 -25.96
C4 6TP D . -0.03 -13.21 -30.07
N4 6TP D . 0.36 -13.01 -27.66
C5 6TP D . -2.68 -13.37 -27.20
C6 6TP D . 1.28 -14.85 -28.95
C7 6TP D . -6.58 -15.03 -28.56
C8 6TP D . -7.76 -15.27 -29.25
C9 6TP D . -8.15 -14.40 -30.30
C10 6TP D . -8.72 -16.37 -29.06
C11 6TP D . -9.31 -14.55 -31.07
C12 6TP D . -9.65 -13.53 -32.10
C13 6TP D . -10.19 -15.65 -30.82
C14 6TP D . -6.02 -13.85 -29.12
C15 6TP D . -11.52 -12.78 -33.55
C16 6TP D . -4.72 -13.22 -28.63
C17 6TP D . -3.00 -11.33 -28.78
C18 6TP D . -2.28 -12.12 -27.81
C19 6TP D . -3.92 -13.90 -27.63
#